data_9FS9
#
_entry.id   9FS9
#
_cell.length_a   68.017
_cell.length_b   35.049
_cell.length_c   68.017
_cell.angle_alpha   90.000
_cell.angle_beta   91.234
_cell.angle_gamma   90.000
#
_symmetry.space_group_name_H-M   'P 1 21 1'
#
loop_
_entity.id
_entity.type
_entity.pdbx_description
1 polymer S-layer
2 non-polymer 'BROMIDE ION'
3 water water
#
_entity_poly.entity_id   1
_entity_poly.type   'polypeptide(L)'
_entity_poly.pdbx_seq_one_letter_code
;MASAVLVTGEVSNVDLDKTTITISEDGKTFNYNYEEAIFKLHNNVVSQSKFESLLFGATVTASKDDKGVLTLNIIDEGVD
ALEHHHHHH
;
_entity_poly.pdbx_strand_id   D,A,B,C
#
loop_
_chem_comp.id
_chem_comp.type
_chem_comp.name
_chem_comp.formula
BR non-polymer 'BROMIDE ION' 'Br -1'
#
# COMPACT_ATOMS: atom_id res chain seq x y z
N SER A 3 -2.01 13.95 -9.32
CA SER A 3 -3.31 13.24 -9.11
C SER A 3 -4.14 13.98 -8.08
N ALA A 4 -4.70 15.14 -8.49
CA ALA A 4 -5.58 15.93 -7.64
C ALA A 4 -6.68 15.05 -7.04
N VAL A 5 -6.82 15.17 -5.71
CA VAL A 5 -7.90 14.49 -4.99
C VAL A 5 -9.17 15.29 -5.14
N LEU A 6 -10.26 14.63 -5.50
CA LEU A 6 -11.54 15.30 -5.61
C LEU A 6 -12.30 15.21 -4.29
N VAL A 7 -12.18 14.07 -3.62
CA VAL A 7 -12.99 13.82 -2.44
C VAL A 7 -12.58 12.47 -1.87
N THR A 8 -12.68 12.38 -0.54
CA THR A 8 -12.63 11.13 0.19
C THR A 8 -13.86 11.10 1.08
N GLY A 9 -14.69 10.06 0.94
CA GLY A 9 -15.80 9.86 1.84
C GLY A 9 -16.67 8.67 1.43
N GLU A 10 -17.90 8.64 1.94
CA GLU A 10 -18.73 7.45 1.93
C GLU A 10 -19.50 7.36 0.62
N VAL A 11 -19.56 6.16 0.04
CA VAL A 11 -20.30 5.90 -1.17
C VAL A 11 -21.77 5.70 -0.79
N SER A 12 -22.66 6.40 -1.50
CA SER A 12 -24.09 6.11 -1.56
C SER A 12 -24.55 5.99 -3.01
N ASN A 13 -25.85 5.68 -3.18
CA ASN A 13 -26.59 5.81 -4.44
C ASN A 13 -25.90 5.05 -5.56
N VAL A 14 -25.38 3.84 -5.25
CA VAL A 14 -24.69 3.04 -6.23
C VAL A 14 -25.71 2.55 -7.25
N ASP A 15 -25.46 2.87 -8.52
CA ASP A 15 -26.25 2.31 -9.61
C ASP A 15 -25.31 1.48 -10.48
N LEU A 16 -25.37 0.16 -10.29
CA LEU A 16 -24.49 -0.78 -10.98
C LEU A 16 -24.76 -0.77 -12.49
N ASP A 17 -26.03 -0.67 -12.91
CA ASP A 17 -26.38 -0.64 -14.32
C ASP A 17 -25.80 0.59 -15.01
N LYS A 18 -25.89 1.76 -14.38
CA LYS A 18 -25.40 3.00 -14.96
C LYS A 18 -23.95 3.25 -14.51
N THR A 19 -23.38 2.33 -13.71
CA THR A 19 -22.06 2.50 -13.10
C THR A 19 -21.88 3.93 -12.58
N THR A 20 -22.75 4.35 -11.66
CA THR A 20 -22.65 5.67 -11.07
C THR A 20 -22.70 5.53 -9.56
N ILE A 21 -21.99 6.43 -8.88
CA ILE A 21 -21.96 6.52 -7.44
C ILE A 21 -22.05 7.98 -7.02
N THR A 22 -22.46 8.17 -5.75
CA THR A 22 -22.31 9.43 -5.04
C THR A 22 -21.34 9.25 -3.89
N ILE A 23 -20.39 10.19 -3.74
CA ILE A 23 -19.50 10.21 -2.59
C ILE A 23 -19.75 11.50 -1.80
N SER A 24 -19.90 11.36 -0.47
CA SER A 24 -20.19 12.48 0.42
C SER A 24 -19.02 12.74 1.37
N GLU A 25 -18.63 14.01 1.51
CA GLU A 25 -17.62 14.45 2.47
C GLU A 25 -18.05 15.84 2.92
N ASP A 26 -18.13 16.01 4.26
CA ASP A 26 -18.35 17.31 4.88
C ASP A 26 -19.64 17.97 4.34
N GLY A 27 -20.70 17.18 4.15
CA GLY A 27 -21.99 17.74 3.77
C GLY A 27 -22.09 18.10 2.29
N LYS A 28 -21.10 17.70 1.49
CA LYS A 28 -21.08 17.96 0.06
C LYS A 28 -21.17 16.60 -0.64
N THR A 29 -21.73 16.59 -1.86
CA THR A 29 -21.93 15.36 -2.62
C THR A 29 -21.23 15.50 -3.97
N PHE A 30 -20.63 14.40 -4.39
CA PHE A 30 -19.86 14.30 -5.62
C PHE A 30 -20.37 13.08 -6.36
N ASN A 31 -20.64 13.24 -7.65
CA ASN A 31 -21.21 12.18 -8.47
C ASN A 31 -20.20 11.77 -9.52
N TYR A 32 -20.12 10.47 -9.77
CA TYR A 32 -19.15 9.93 -10.71
C TYR A 32 -19.79 8.81 -11.52
N ASN A 33 -19.40 8.77 -12.78
CA ASN A 33 -19.61 7.60 -13.60
C ASN A 33 -18.28 6.85 -13.56
N TYR A 34 -18.26 5.66 -12.97
CA TYR A 34 -17.00 4.98 -12.72
C TYR A 34 -16.61 4.03 -13.85
N GLU A 35 -17.30 4.13 -14.99
CA GLU A 35 -17.18 3.16 -16.05
C GLU A 35 -15.74 3.07 -16.53
N GLU A 36 -15.06 4.21 -16.64
CA GLU A 36 -13.70 4.19 -17.17
C GLU A 36 -12.65 4.39 -16.08
N ALA A 37 -12.99 4.11 -14.82
CA ALA A 37 -12.10 4.44 -13.72
C ALA A 37 -11.08 3.32 -13.53
N ILE A 38 -9.91 3.68 -12.99
CA ILE A 38 -9.02 2.72 -12.36
C ILE A 38 -9.59 2.44 -10.98
N PHE A 39 -9.69 1.16 -10.62
CA PHE A 39 -10.25 0.73 -9.35
C PHE A 39 -9.16 0.21 -8.44
N LYS A 40 -9.16 0.67 -7.18
CA LYS A 40 -8.22 0.15 -6.20
C LYS A 40 -8.95 -0.22 -4.93
N LEU A 41 -8.28 -1.08 -4.15
CA LEU A 41 -8.77 -1.54 -2.87
C LEU A 41 -7.56 -1.53 -1.95
N HIS A 42 -7.53 -0.58 -1.00
CA HIS A 42 -6.39 -0.32 -0.16
C HIS A 42 -5.14 -0.11 -1.01
N ASN A 43 -5.30 0.62 -2.12
CA ASN A 43 -4.22 1.00 -3.04
C ASN A 43 -3.83 -0.15 -3.98
N ASN A 44 -4.41 -1.36 -3.80
CA ASN A 44 -4.18 -2.46 -4.72
C ASN A 44 -5.14 -2.32 -5.92
N VAL A 45 -4.60 -2.32 -7.13
CA VAL A 45 -5.44 -2.34 -8.31
C VAL A 45 -6.27 -3.62 -8.30
N VAL A 46 -7.58 -3.45 -8.60
CA VAL A 46 -8.53 -4.55 -8.69
C VAL A 46 -9.43 -4.34 -9.90
N SER A 47 -10.15 -5.40 -10.24
CA SER A 47 -11.16 -5.40 -11.28
C SER A 47 -12.38 -4.60 -10.83
N GLN A 48 -13.19 -4.21 -11.81
CA GLN A 48 -14.46 -3.56 -11.58
C GLN A 48 -15.33 -4.42 -10.68
N SER A 49 -15.37 -5.72 -10.98
CA SER A 49 -16.24 -6.65 -10.26
C SER A 49 -15.85 -6.70 -8.80
N LYS A 50 -14.54 -6.81 -8.53
CA LYS A 50 -14.07 -6.84 -7.16
C LYS A 50 -14.47 -5.54 -6.45
N PHE A 51 -14.23 -4.43 -7.13
CA PHE A 51 -14.53 -3.10 -6.61
C PHE A 51 -16.02 -3.01 -6.25
N GLU A 52 -16.90 -3.44 -7.18
CA GLU A 52 -18.34 -3.38 -6.97
C GLU A 52 -18.79 -4.27 -5.80
N SER A 53 -18.07 -5.39 -5.61
CA SER A 53 -18.37 -6.33 -4.54
C SER A 53 -18.21 -5.71 -3.14
N LEU A 54 -17.50 -4.57 -3.02
CA LEU A 54 -17.22 -4.00 -1.71
C LEU A 54 -17.59 -2.51 -1.66
N LEU A 55 -18.52 -2.11 -2.52
CA LEU A 55 -18.65 -0.71 -2.89
C LEU A 55 -19.71 0.01 -2.05
N PHE A 56 -20.79 -0.70 -1.69
CA PHE A 56 -21.93 -0.07 -1.06
C PHE A 56 -21.56 0.30 0.39
N GLY A 57 -21.63 1.60 0.70
CA GLY A 57 -21.27 2.11 2.01
C GLY A 57 -19.75 2.18 2.21
N ALA A 58 -18.97 1.98 1.15
CA ALA A 58 -17.51 2.07 1.24
C ALA A 58 -17.06 3.50 1.48
N THR A 59 -15.89 3.65 2.09
CA THR A 59 -15.16 4.91 2.02
C THR A 59 -14.18 4.85 0.85
N VAL A 60 -14.27 5.83 -0.06
CA VAL A 60 -13.52 5.87 -1.29
C VAL A 60 -12.87 7.24 -1.45
N THR A 61 -11.61 7.24 -1.94
CA THR A 61 -10.97 8.42 -2.49
C THR A 61 -11.11 8.42 -4.01
N ALA A 62 -11.69 9.50 -4.52
CA ALA A 62 -11.71 9.78 -5.94
C ALA A 62 -10.62 10.79 -6.27
N SER A 63 -9.80 10.45 -7.26
CA SER A 63 -8.71 11.30 -7.71
C SER A 63 -8.59 11.24 -9.24
N LYS A 64 -7.99 12.27 -9.83
CA LYS A 64 -7.85 12.42 -11.27
C LYS A 64 -6.43 12.90 -11.56
N ASP A 65 -5.74 12.23 -12.51
CA ASP A 65 -4.43 12.65 -12.94
C ASP A 65 -4.59 13.79 -13.94
N ASP A 66 -3.44 14.33 -14.42
CA ASP A 66 -3.40 15.45 -15.36
C ASP A 66 -4.06 15.09 -16.69
N LYS A 67 -4.17 13.79 -16.99
CA LYS A 67 -4.73 13.29 -18.24
C LYS A 67 -6.23 13.02 -18.11
N GLY A 68 -6.81 13.30 -16.93
CA GLY A 68 -8.24 13.19 -16.75
C GLY A 68 -8.71 11.79 -16.34
N VAL A 69 -7.78 10.85 -16.13
CA VAL A 69 -8.11 9.48 -15.76
C VAL A 69 -8.48 9.43 -14.28
N LEU A 70 -9.68 8.88 -14.00
CA LEU A 70 -10.27 8.80 -12.67
C LEU A 70 -9.83 7.52 -11.97
N THR A 71 -9.35 7.67 -10.72
CA THR A 71 -9.05 6.55 -9.86
C THR A 71 -10.00 6.62 -8.68
N LEU A 72 -10.56 5.44 -8.37
CA LEU A 72 -11.44 5.25 -7.22
C LEU A 72 -10.82 4.18 -6.34
N ASN A 73 -10.37 4.57 -5.16
CA ASN A 73 -9.68 3.69 -4.24
C ASN A 73 -10.54 3.47 -3.01
N ILE A 74 -10.91 2.22 -2.73
CA ILE A 74 -11.62 1.85 -1.52
C ILE A 74 -10.61 1.81 -0.36
N ILE A 75 -10.84 2.70 0.62
CA ILE A 75 -10.09 2.85 1.87
C ILE A 75 -10.69 1.96 2.96
N ASP A 76 -12.03 1.98 3.08
CA ASP A 76 -12.79 1.21 4.05
C ASP A 76 -13.87 0.47 3.29
N GLU A 77 -13.88 -0.86 3.45
CA GLU A 77 -14.66 -1.74 2.59
C GLU A 77 -16.16 -1.58 2.87
N GLY A 78 -16.97 -1.48 1.82
CA GLY A 78 -18.41 -1.62 1.94
C GLY A 78 -18.85 -3.08 1.70
N VAL A 79 -20.07 -3.24 1.15
CA VAL A 79 -20.67 -4.53 0.86
C VAL A 79 -21.17 -4.54 -0.59
N ASP A 80 -21.64 -5.71 -1.07
CA ASP A 80 -22.12 -5.80 -2.45
C ASP A 80 -23.59 -5.38 -2.50
N ALA A 81 -24.13 -5.25 -3.72
CA ALA A 81 -25.52 -4.87 -3.97
C ALA A 81 -26.52 -5.74 -3.21
N LEU A 82 -26.28 -7.06 -3.23
CA LEU A 82 -27.16 -8.03 -2.60
C LEU A 82 -27.10 -7.98 -1.08
N GLU A 83 -25.93 -7.68 -0.50
CA GLU A 83 -25.82 -7.59 0.95
C GLU A 83 -26.48 -6.31 1.42
N HIS A 84 -26.41 -5.27 0.58
CA HIS A 84 -26.89 -3.92 0.90
C HIS A 84 -28.39 -3.90 1.14
N HIS A 85 -29.11 -4.85 0.55
CA HIS A 85 -30.56 -4.93 0.70
C HIS A 85 -30.83 -5.53 2.09
N SER B 3 13.00 -3.45 -11.21
CA SER B 3 13.34 -3.64 -9.78
C SER B 3 13.39 -5.12 -9.44
N ALA B 4 14.45 -5.80 -9.92
CA ALA B 4 14.71 -7.19 -9.54
C ALA B 4 14.65 -7.31 -8.01
N VAL B 5 13.84 -8.29 -7.55
CA VAL B 5 13.82 -8.69 -6.14
C VAL B 5 15.01 -9.60 -5.89
N LEU B 6 15.77 -9.27 -4.84
CA LEU B 6 16.93 -10.06 -4.49
C LEU B 6 16.53 -11.15 -3.51
N VAL B 7 15.63 -10.82 -2.60
CA VAL B 7 15.27 -11.74 -1.54
C VAL B 7 14.13 -11.13 -0.75
N THR B 8 13.28 -12.02 -0.25
CA THR B 8 12.34 -11.71 0.81
C THR B 8 12.58 -12.71 1.92
N GLY B 9 12.96 -12.23 3.11
CA GLY B 9 13.16 -13.11 4.24
C GLY B 9 13.48 -12.35 5.50
N GLU B 10 13.92 -13.11 6.52
CA GLU B 10 14.03 -12.61 7.87
C GLU B 10 15.38 -11.94 8.07
N VAL B 11 15.39 -10.81 8.75
CA VAL B 11 16.61 -10.08 9.04
C VAL B 11 17.26 -10.75 10.25
N SER B 12 18.53 -11.15 10.13
CA SER B 12 19.08 -12.12 11.09
C SER B 12 20.25 -11.52 11.85
N ASN B 13 20.71 -10.39 11.34
CA ASN B 13 21.77 -9.65 11.99
C ASN B 13 21.58 -8.22 11.51
N VAL B 14 21.84 -7.29 12.43
CA VAL B 14 21.85 -5.89 12.12
C VAL B 14 23.11 -5.30 12.74
N ASP B 15 23.89 -4.59 11.92
CA ASP B 15 24.95 -3.75 12.44
C ASP B 15 24.61 -2.30 12.14
N LEU B 16 24.10 -1.61 13.16
CA LEU B 16 23.65 -0.23 13.04
C LEU B 16 24.79 0.70 12.67
N ASP B 17 25.98 0.48 13.29
CA ASP B 17 27.14 1.32 13.07
C ASP B 17 27.58 1.23 11.60
N LYS B 18 27.66 0.01 11.05
CA LYS B 18 28.14 -0.20 9.70
C LYS B 18 26.96 -0.24 8.73
N THR B 19 25.74 -0.01 9.24
CA THR B 19 24.52 -0.07 8.45
C THR B 19 24.55 -1.30 7.53
N THR B 20 24.66 -2.49 8.11
CA THR B 20 24.54 -3.72 7.35
C THR B 20 23.45 -4.58 7.96
N ILE B 21 22.79 -5.34 7.08
CA ILE B 21 21.91 -6.43 7.50
C ILE B 21 22.25 -7.73 6.75
N THR B 22 21.85 -8.82 7.39
CA THR B 22 21.79 -10.12 6.74
C THR B 22 20.34 -10.55 6.65
N ILE B 23 19.92 -10.97 5.44
CA ILE B 23 18.60 -11.55 5.23
C ILE B 23 18.75 -13.02 4.82
N SER B 24 17.94 -13.89 5.44
CA SER B 24 17.92 -15.31 5.14
C SER B 24 16.59 -15.71 4.48
N GLU B 25 16.67 -16.49 3.40
CA GLU B 25 15.51 -17.09 2.76
C GLU B 25 15.98 -18.46 2.28
N ASP B 26 15.27 -19.49 2.76
CA ASP B 26 15.45 -20.85 2.33
C ASP B 26 16.91 -21.32 2.46
N GLY B 27 17.56 -20.98 3.58
CA GLY B 27 18.88 -21.52 3.87
C GLY B 27 20.00 -20.79 3.12
N LYS B 28 19.67 -19.66 2.52
CA LYS B 28 20.63 -18.82 1.79
C LYS B 28 20.72 -17.50 2.55
N THR B 29 21.86 -16.83 2.43
CA THR B 29 22.17 -15.62 3.15
C THR B 29 22.50 -14.50 2.18
N PHE B 30 21.97 -13.32 2.46
CA PHE B 30 22.14 -12.13 1.64
C PHE B 30 22.55 -10.99 2.56
N ASN B 31 23.60 -10.27 2.19
CA ASN B 31 24.17 -9.22 2.99
C ASN B 31 24.05 -7.91 2.23
N TYR B 32 23.64 -6.84 2.93
CA TYR B 32 23.47 -5.55 2.32
C TYR B 32 24.02 -4.46 3.21
N ASN B 33 24.68 -3.48 2.57
CA ASN B 33 24.96 -2.21 3.21
C ASN B 33 23.83 -1.27 2.84
N TYR B 34 23.02 -0.89 3.82
CA TYR B 34 21.77 -0.20 3.54
C TYR B 34 21.93 1.32 3.62
N GLU B 35 23.17 1.80 3.61
CA GLU B 35 23.46 3.20 3.82
C GLU B 35 22.73 4.05 2.79
N GLU B 36 22.70 3.61 1.53
CA GLU B 36 22.08 4.42 0.49
C GLU B 36 20.75 3.84 0.03
N ALA B 37 20.10 3.01 0.88
CA ALA B 37 18.86 2.36 0.51
C ALA B 37 17.68 3.30 0.68
N ILE B 38 16.64 3.07 -0.14
CA ILE B 38 15.32 3.58 0.13
C ILE B 38 14.71 2.63 1.15
N PHE B 39 14.10 3.20 2.20
CA PHE B 39 13.49 2.39 3.27
C PHE B 39 11.97 2.48 3.21
N LYS B 40 11.31 1.33 3.35
CA LYS B 40 9.86 1.29 3.37
C LYS B 40 9.40 0.41 4.50
N LEU B 41 8.14 0.64 4.89
CA LEU B 41 7.47 -0.11 5.94
C LEU B 41 6.06 -0.33 5.42
N HIS B 42 5.75 -1.58 5.08
CA HIS B 42 4.52 -1.94 4.41
C HIS B 42 4.32 -1.07 3.16
N ASN B 43 5.40 -0.80 2.41
CA ASN B 43 5.42 -0.05 1.16
C ASN B 43 5.40 1.46 1.40
N ASN B 44 5.25 1.91 2.66
CA ASN B 44 5.32 3.33 2.98
C ASN B 44 6.80 3.73 3.14
N VAL B 45 7.21 4.77 2.42
CA VAL B 45 8.53 5.31 2.59
C VAL B 45 8.64 5.83 4.02
N VAL B 46 9.78 5.49 4.65
CA VAL B 46 10.10 5.93 6.00
C VAL B 46 11.58 6.30 6.06
N SER B 47 11.91 7.01 7.15
CA SER B 47 13.27 7.37 7.50
C SER B 47 14.08 6.13 7.86
N GLN B 48 15.40 6.28 7.80
CA GLN B 48 16.33 5.26 8.25
C GLN B 48 16.05 4.90 9.71
N SER B 49 15.86 5.93 10.54
CA SER B 49 15.66 5.71 11.97
C SER B 49 14.42 4.87 12.22
N LYS B 50 13.33 5.21 11.55
CA LYS B 50 12.09 4.46 11.72
C LYS B 50 12.32 3.02 11.30
N PHE B 51 12.96 2.85 10.15
CA PHE B 51 13.27 1.54 9.59
C PHE B 51 14.07 0.72 10.61
N GLU B 52 15.13 1.32 11.17
CA GLU B 52 15.99 0.61 12.13
C GLU B 52 15.23 0.24 13.40
N SER B 53 14.23 1.08 13.79
CA SER B 53 13.42 0.86 14.98
C SER B 53 12.58 -0.42 14.87
N LEU B 54 12.41 -0.99 13.68
CA LEU B 54 11.52 -2.14 13.49
C LEU B 54 12.23 -3.26 12.74
N LEU B 55 13.56 -3.28 12.82
CA LEU B 55 14.34 -3.99 11.82
C LEU B 55 14.75 -5.37 12.31
N PHE B 56 14.97 -5.52 13.62
CA PHE B 56 15.56 -6.74 14.15
C PHE B 56 14.49 -7.84 14.12
N GLY B 57 14.78 -8.92 13.37
CA GLY B 57 13.84 -10.01 13.21
C GLY B 57 12.72 -9.68 12.22
N ALA B 58 12.82 -8.55 11.50
CA ALA B 58 11.81 -8.18 10.51
C ALA B 58 11.86 -9.16 9.31
N THR B 59 10.73 -9.27 8.62
CA THR B 59 10.73 -9.81 7.26
C THR B 59 10.81 -8.64 6.29
N VAL B 60 11.86 -8.68 5.43
CA VAL B 60 12.17 -7.60 4.51
C VAL B 60 12.31 -8.17 3.11
N THR B 61 11.76 -7.43 2.13
CA THR B 61 12.10 -7.58 0.73
C THR B 61 13.18 -6.56 0.37
N ALA B 62 14.30 -7.09 -0.12
CA ALA B 62 15.35 -6.31 -0.75
C ALA B 62 15.19 -6.38 -2.26
N SER B 63 15.18 -5.20 -2.90
CA SER B 63 15.08 -5.09 -4.34
C SER B 63 16.03 -4.00 -4.85
N LYS B 64 16.45 -4.12 -6.12
CA LYS B 64 17.39 -3.21 -6.76
C LYS B 64 16.86 -2.86 -8.14
N ASP B 65 16.81 -1.56 -8.50
CA ASP B 65 16.44 -1.15 -9.84
C ASP B 65 17.67 -1.27 -10.74
N ASP B 66 17.48 -0.97 -12.04
CA ASP B 66 18.52 -1.10 -13.05
C ASP B 66 19.68 -0.14 -12.80
N LYS B 67 19.43 0.91 -12.01
CA LYS B 67 20.41 1.94 -11.70
C LYS B 67 21.17 1.60 -10.42
N GLY B 68 20.89 0.44 -9.81
CA GLY B 68 21.64 -0.02 -8.65
C GLY B 68 21.10 0.53 -7.32
N VAL B 69 19.96 1.24 -7.32
CA VAL B 69 19.39 1.75 -6.09
C VAL B 69 18.65 0.64 -5.33
N LEU B 70 19.05 0.43 -4.07
CA LEU B 70 18.50 -0.61 -3.19
C LEU B 70 17.27 -0.11 -2.44
N THR B 71 16.20 -0.89 -2.45
CA THR B 71 15.02 -0.65 -1.64
C THR B 71 14.88 -1.82 -0.66
N LEU B 72 14.65 -1.45 0.60
CA LEU B 72 14.40 -2.40 1.66
C LEU B 72 13.03 -2.09 2.26
N ASN B 73 12.11 -3.04 2.14
CA ASN B 73 10.74 -2.89 2.56
C ASN B 73 10.44 -3.87 3.67
N ILE B 74 10.06 -3.34 4.84
CA ILE B 74 9.61 -4.17 5.94
C ILE B 74 8.17 -4.60 5.69
N ILE B 75 7.97 -5.92 5.52
CA ILE B 75 6.69 -6.60 5.31
C ILE B 75 6.07 -6.97 6.66
N ASP B 76 6.90 -7.55 7.54
CA ASP B 76 6.52 -7.99 8.88
C ASP B 76 7.49 -7.34 9.85
N GLU B 77 6.94 -6.58 10.78
CA GLU B 77 7.75 -5.68 11.61
C GLU B 77 8.62 -6.48 12.58
N GLY B 78 9.88 -6.09 12.72
CA GLY B 78 10.71 -6.56 13.82
C GLY B 78 10.65 -5.60 14.99
N VAL B 79 11.75 -5.57 15.75
CA VAL B 79 11.90 -4.78 16.96
C VAL B 79 13.17 -3.94 16.85
N ASP B 80 13.39 -3.06 17.84
CA ASP B 80 14.56 -2.19 17.82
C ASP B 80 15.73 -2.95 18.43
N ALA B 81 16.92 -2.35 18.30
CA ALA B 81 18.17 -2.88 18.82
C ALA B 81 18.08 -3.22 20.31
N LEU B 82 17.47 -2.32 21.07
CA LEU B 82 17.37 -2.43 22.52
C LEU B 82 16.39 -3.53 22.95
N GLU B 83 15.33 -3.77 22.20
CA GLU B 83 14.39 -4.82 22.54
C GLU B 83 15.00 -6.21 22.35
N HIS B 84 15.75 -6.35 21.23
CA HIS B 84 16.44 -7.56 20.82
C HIS B 84 17.80 -7.68 21.54
N ALA C 4 -5.96 -2.68 -17.96
CA ALA C 4 -4.76 -3.46 -17.59
C ALA C 4 -5.12 -4.64 -16.68
N VAL C 5 -6.24 -4.59 -15.91
CA VAL C 5 -6.57 -5.68 -15.02
C VAL C 5 -7.26 -6.80 -15.79
N LEU C 6 -6.76 -8.02 -15.64
CA LEU C 6 -7.30 -9.17 -16.34
C LEU C 6 -8.36 -9.81 -15.46
N VAL C 7 -8.10 -9.87 -14.16
CA VAL C 7 -8.98 -10.58 -13.26
C VAL C 7 -8.51 -10.31 -11.84
N THR C 8 -9.50 -10.25 -10.95
CA THR C 8 -9.28 -10.35 -9.52
C THR C 8 -10.14 -11.50 -9.02
N GLY C 9 -9.51 -12.54 -8.49
CA GLY C 9 -10.27 -13.63 -7.90
C GLY C 9 -9.37 -14.61 -7.16
N GLU C 10 -9.94 -15.78 -6.85
CA GLU C 10 -9.35 -16.75 -5.97
C GLU C 10 -8.46 -17.68 -6.78
N VAL C 11 -7.29 -18.00 -6.25
CA VAL C 11 -6.37 -18.92 -6.88
C VAL C 11 -6.81 -20.34 -6.54
N SER C 12 -7.05 -21.17 -7.57
CA SER C 12 -7.87 -22.40 -7.47
C SER C 12 -7.01 -23.63 -7.66
N ASN C 13 -5.87 -23.41 -8.30
CA ASN C 13 -4.92 -24.46 -8.58
C ASN C 13 -3.56 -23.78 -8.63
N VAL C 14 -2.56 -24.51 -8.16
CA VAL C 14 -1.18 -24.09 -8.28
C VAL C 14 -0.40 -25.30 -8.75
N ASP C 15 0.36 -25.13 -9.83
CA ASP C 15 1.36 -26.11 -10.23
C ASP C 15 2.73 -25.45 -10.12
N LEU C 16 3.43 -25.77 -9.04
CA LEU C 16 4.72 -25.18 -8.72
C LEU C 16 5.77 -25.56 -9.76
N ASP C 17 5.75 -26.82 -10.24
CA ASP C 17 6.71 -27.28 -11.24
C ASP C 17 6.54 -26.51 -12.55
N LYS C 18 5.30 -26.31 -13.00
CA LYS C 18 5.04 -25.62 -14.25
C LYS C 18 4.88 -24.12 -13.99
N THR C 19 4.97 -23.67 -12.73
CA THR C 19 4.66 -22.30 -12.33
C THR C 19 3.40 -21.82 -13.06
N THR C 20 2.28 -22.51 -12.83
CA THR C 20 1.01 -22.05 -13.34
C THR C 20 0.04 -21.91 -12.17
N ILE C 21 -0.88 -20.95 -12.34
CA ILE C 21 -2.05 -20.83 -11.49
C ILE C 21 -3.32 -20.70 -12.32
N THR C 22 -4.43 -21.09 -11.69
CA THR C 22 -5.76 -20.75 -12.18
C THR C 22 -6.41 -19.76 -11.21
N ILE C 23 -6.95 -18.66 -11.77
CA ILE C 23 -7.75 -17.72 -11.00
C ILE C 23 -9.19 -17.75 -11.52
N SER C 24 -10.14 -17.84 -10.59
CA SER C 24 -11.56 -17.87 -10.90
C SER C 24 -12.27 -16.61 -10.38
N GLU C 25 -13.14 -16.04 -11.22
CA GLU C 25 -14.06 -14.98 -10.81
C GLU C 25 -15.35 -15.24 -11.57
N ASP C 26 -16.46 -15.47 -10.84
CA ASP C 26 -17.79 -15.43 -11.41
C ASP C 26 -17.95 -16.40 -12.57
N GLY C 27 -17.43 -17.63 -12.41
CA GLY C 27 -17.69 -18.68 -13.38
C GLY C 27 -16.79 -18.59 -14.62
N LYS C 28 -15.77 -17.73 -14.55
CA LYS C 28 -14.72 -17.65 -15.56
C LYS C 28 -13.43 -18.14 -14.89
N THR C 29 -12.57 -18.78 -15.68
CA THR C 29 -11.26 -19.23 -15.21
C THR C 29 -10.19 -18.61 -16.11
N PHE C 30 -9.09 -18.23 -15.46
CA PHE C 30 -7.96 -17.58 -16.08
C PHE C 30 -6.73 -18.37 -15.66
N ASN C 31 -5.90 -18.72 -16.64
CA ASN C 31 -4.71 -19.51 -16.41
C ASN C 31 -3.50 -18.67 -16.77
N TYR C 32 -2.48 -18.75 -15.93
CA TYR C 32 -1.29 -17.95 -16.11
C TYR C 32 -0.07 -18.79 -15.83
N ASN C 33 0.97 -18.53 -16.63
CA ASN C 33 2.29 -19.01 -16.33
C ASN C 33 3.00 -17.85 -15.65
N TYR C 34 3.31 -18.00 -14.36
CA TYR C 34 3.75 -16.86 -13.57
C TYR C 34 5.26 -16.74 -13.55
N GLU C 35 5.96 -17.50 -14.42
CA GLU C 35 7.38 -17.64 -14.34
C GLU C 35 8.06 -16.28 -14.40
N GLU C 36 7.61 -15.39 -15.29
CA GLU C 36 8.26 -14.09 -15.40
C GLU C 36 7.37 -12.96 -14.87
N ALA C 37 6.53 -13.27 -13.89
CA ALA C 37 5.63 -12.25 -13.34
C ALA C 37 6.37 -11.40 -12.31
N ILE C 38 5.92 -10.15 -12.14
CA ILE C 38 6.20 -9.39 -10.94
C ILE C 38 5.24 -9.90 -9.86
N PHE C 39 5.78 -10.21 -8.67
CA PHE C 39 4.98 -10.71 -7.56
C PHE C 39 4.82 -9.64 -6.49
N LYS C 40 3.57 -9.44 -6.03
CA LYS C 40 3.32 -8.53 -4.94
C LYS C 40 2.44 -9.21 -3.89
N LEU C 41 2.52 -8.65 -2.68
CA LEU C 41 1.75 -9.09 -1.53
C LEU C 41 1.27 -7.83 -0.85
N HIS C 42 -0.04 -7.57 -0.94
CA HIS C 42 -0.64 -6.32 -0.49
C HIS C 42 0.10 -5.14 -1.11
N ASN C 43 0.46 -5.25 -2.40
CA ASN C 43 1.10 -4.21 -3.19
C ASN C 43 2.59 -4.12 -2.91
N ASN C 44 3.12 -4.88 -1.92
CA ASN C 44 4.56 -4.93 -1.68
C ASN C 44 5.20 -5.95 -2.64
N VAL C 45 6.22 -5.51 -3.38
CA VAL C 45 6.99 -6.43 -4.17
C VAL C 45 7.62 -7.50 -3.26
N VAL C 46 7.54 -8.76 -3.70
CA VAL C 46 8.10 -9.90 -2.98
C VAL C 46 8.71 -10.90 -3.96
N SER C 47 9.48 -11.83 -3.41
CA SER C 47 10.09 -12.92 -4.16
C SER C 47 9.04 -13.92 -4.59
N GLN C 48 9.41 -14.74 -5.59
CA GLN C 48 8.56 -15.83 -6.06
C GLN C 48 8.23 -16.76 -4.90
N SER C 49 9.25 -17.08 -4.11
CA SER C 49 9.11 -18.04 -3.04
C SER C 49 8.15 -17.53 -1.99
N LYS C 50 8.28 -16.24 -1.61
CA LYS C 50 7.35 -15.66 -0.67
C LYS C 50 5.94 -15.73 -1.21
N PHE C 51 5.79 -15.35 -2.48
CA PHE C 51 4.52 -15.36 -3.19
C PHE C 51 3.90 -16.75 -3.12
N GLU C 52 4.66 -17.79 -3.46
CA GLU C 52 4.16 -19.15 -3.50
C GLU C 52 3.74 -19.61 -2.09
N SER C 53 4.44 -19.11 -1.05
CA SER C 53 4.16 -19.48 0.33
C SER C 53 2.75 -19.07 0.77
N LEU C 54 2.08 -18.15 0.04
CA LEU C 54 0.79 -17.62 0.46
C LEU C 54 -0.24 -17.67 -0.67
N LEU C 55 -0.03 -18.59 -1.62
CA LEU C 55 -0.65 -18.47 -2.91
C LEU C 55 -1.95 -19.28 -3.01
N PHE C 56 -2.01 -20.43 -2.36
CA PHE C 56 -3.12 -21.34 -2.60
C PHE C 56 -4.37 -20.82 -1.90
N GLY C 57 -5.44 -20.59 -2.69
CA GLY C 57 -6.67 -20.01 -2.20
C GLY C 57 -6.56 -18.50 -1.95
N ALA C 58 -5.46 -17.88 -2.41
CA ALA C 58 -5.29 -16.45 -2.29
C ALA C 58 -6.31 -15.74 -3.20
N THR C 59 -6.66 -14.49 -2.82
CA THR C 59 -7.23 -13.57 -3.78
C THR C 59 -6.13 -12.75 -4.42
N VAL C 60 -6.07 -12.81 -5.75
CA VAL C 60 -4.99 -12.24 -6.54
C VAL C 60 -5.61 -11.41 -7.65
N THR C 61 -5.01 -10.22 -7.85
CA THR C 61 -5.21 -9.44 -9.05
C THR C 61 -4.08 -9.74 -10.03
N ALA C 62 -4.48 -10.16 -11.23
CA ALA C 62 -3.58 -10.31 -12.35
C ALA C 62 -3.79 -9.12 -13.27
N SER C 63 -2.68 -8.48 -13.61
CA SER C 63 -2.68 -7.32 -14.48
C SER C 63 -1.48 -7.40 -15.42
N LYS C 64 -1.64 -6.79 -16.60
CA LYS C 64 -0.63 -6.77 -17.65
C LYS C 64 -0.49 -5.34 -18.16
N ASP C 65 0.75 -4.83 -18.23
CA ASP C 65 0.99 -3.52 -18.80
C ASP C 65 0.98 -3.65 -20.33
N ASP C 66 1.13 -2.52 -21.04
CA ASP C 66 1.05 -2.48 -22.51
C ASP C 66 2.21 -3.26 -23.15
N LYS C 67 3.28 -3.48 -22.37
CA LYS C 67 4.48 -4.18 -22.82
C LYS C 67 4.38 -5.68 -22.53
N GLY C 68 3.25 -6.14 -21.99
CA GLY C 68 2.99 -7.56 -21.83
C GLY C 68 3.45 -8.12 -20.49
N VAL C 69 4.02 -7.29 -19.60
CA VAL C 69 4.58 -7.74 -18.33
C VAL C 69 3.46 -8.01 -17.32
N LEU C 70 3.42 -9.24 -16.80
CA LEU C 70 2.38 -9.70 -15.88
C LEU C 70 2.74 -9.40 -14.42
N THR C 71 1.79 -8.79 -13.71
CA THR C 71 1.91 -8.59 -12.27
C THR C 71 0.79 -9.37 -11.60
N LEU C 72 1.19 -10.08 -10.56
CA LEU C 72 0.30 -10.87 -9.72
C LEU C 72 0.42 -10.38 -8.30
N ASN C 73 -0.67 -9.78 -7.79
CA ASN C 73 -0.68 -9.16 -6.48
C ASN C 73 -1.63 -9.94 -5.58
N ILE C 74 -1.11 -10.51 -4.49
CA ILE C 74 -1.93 -11.14 -3.48
C ILE C 74 -2.56 -10.05 -2.60
N ILE C 75 -3.91 -9.97 -2.65
CA ILE C 75 -4.78 -9.04 -1.92
C ILE C 75 -5.17 -9.68 -0.59
N ASP C 76 -5.56 -10.96 -0.62
CA ASP C 76 -5.97 -11.74 0.55
C ASP C 76 -5.13 -13.01 0.53
N GLU C 77 -4.40 -13.25 1.62
CA GLU C 77 -3.37 -14.26 1.66
C GLU C 77 -3.98 -15.66 1.60
N GLY C 78 -3.39 -16.53 0.78
CA GLY C 78 -3.70 -17.95 0.82
C GLY C 78 -2.74 -18.68 1.76
N VAL C 79 -2.51 -19.94 1.42
CA VAL C 79 -1.65 -20.85 2.16
C VAL C 79 -0.60 -21.42 1.23
N ASP C 80 0.37 -22.13 1.81
CA ASP C 80 1.58 -22.43 1.10
C ASP C 80 1.18 -23.40 -0.01
N ALA C 81 1.60 -23.10 -1.24
CA ALA C 81 1.34 -23.92 -2.43
C ALA C 81 1.82 -25.36 -2.22
N LEU C 82 2.91 -25.55 -1.47
CA LEU C 82 3.47 -26.87 -1.16
C LEU C 82 2.60 -27.70 -0.22
N GLU C 83 1.84 -27.08 0.67
CA GLU C 83 1.07 -27.76 1.70
C GLU C 83 -0.07 -28.59 1.11
N HIS C 84 -0.16 -29.85 1.56
CA HIS C 84 -1.12 -30.80 1.01
C HIS C 84 -2.52 -30.51 1.59
N HIS C 85 -3.35 -29.92 0.73
CA HIS C 85 -4.58 -29.24 1.10
C HIS C 85 -5.53 -30.21 1.82
N VAL D 5 14.71 16.40 2.81
CA VAL D 5 14.24 16.08 4.19
C VAL D 5 13.26 14.92 4.15
N LEU D 6 13.31 14.17 5.25
CA LEU D 6 12.58 12.95 5.40
C LEU D 6 12.61 12.71 6.91
N VAL D 7 11.55 13.13 7.60
CA VAL D 7 11.34 12.71 8.97
C VAL D 7 10.16 11.74 8.97
N THR D 8 10.23 10.76 9.88
CA THR D 8 9.10 9.92 10.25
C THR D 8 8.96 9.99 11.78
N GLY D 9 7.77 10.36 12.24
CA GLY D 9 7.57 10.46 13.67
C GLY D 9 6.17 10.98 14.00
N GLU D 10 5.98 11.35 15.27
CA GLU D 10 4.65 11.60 15.80
C GLU D 10 4.29 13.06 15.58
N VAL D 11 3.01 13.28 15.20
CA VAL D 11 2.49 14.61 15.01
C VAL D 11 2.11 15.19 16.37
N SER D 12 2.59 16.41 16.64
CA SER D 12 2.07 17.29 17.70
C SER D 12 1.72 18.66 17.14
N ASN D 13 1.24 19.57 18.02
CA ASN D 13 1.01 20.97 17.71
C ASN D 13 0.24 21.23 16.42
N VAL D 14 -0.83 20.46 16.18
CA VAL D 14 -1.64 20.63 14.98
C VAL D 14 -2.39 21.96 15.08
N ASP D 15 -2.17 22.82 14.09
CA ASP D 15 -2.97 24.03 13.94
C ASP D 15 -3.69 23.95 12.60
N LEU D 16 -4.96 23.57 12.67
CA LEU D 16 -5.81 23.38 11.48
C LEU D 16 -6.03 24.70 10.75
N ASP D 17 -6.20 25.81 11.48
CA ASP D 17 -6.42 27.12 10.87
C ASP D 17 -5.21 27.53 10.02
N LYS D 18 -3.99 27.37 10.56
CA LYS D 18 -2.77 27.76 9.86
C LYS D 18 -2.18 26.57 9.10
N THR D 19 -2.87 25.42 9.11
CA THR D 19 -2.42 24.19 8.48
C THR D 19 -0.92 23.96 8.77
N THR D 20 -0.58 23.86 10.05
CA THR D 20 0.78 23.56 10.45
C THR D 20 0.76 22.39 11.43
N ILE D 21 1.84 21.59 11.36
CA ILE D 21 2.07 20.49 12.28
C ILE D 21 3.54 20.52 12.76
N THR D 22 3.79 19.84 13.87
CA THR D 22 5.14 19.50 14.27
C THR D 22 5.30 17.98 14.23
N ILE D 23 6.39 17.50 13.63
CA ILE D 23 6.76 16.08 13.71
C ILE D 23 8.07 15.93 14.51
N SER D 24 8.12 14.95 15.43
CA SER D 24 9.31 14.71 16.24
C SER D 24 9.97 13.36 15.90
N GLU D 25 11.30 13.37 15.73
CA GLU D 25 12.07 12.15 15.55
C GLU D 25 13.47 12.41 16.09
N ASP D 26 13.96 11.44 16.88
CA ASP D 26 15.32 11.42 17.38
C ASP D 26 15.68 12.72 18.10
N GLY D 27 14.75 13.27 18.90
CA GLY D 27 15.10 14.41 19.74
C GLY D 27 15.09 15.74 18.99
N LYS D 28 14.63 15.73 17.74
CA LYS D 28 14.48 16.93 16.94
C LYS D 28 13.01 17.14 16.64
N THR D 29 12.64 18.37 16.29
CA THR D 29 11.30 18.75 15.89
C THR D 29 11.37 19.38 14.50
N PHE D 30 10.33 19.08 13.70
CA PHE D 30 10.23 19.53 12.33
C PHE D 30 8.85 20.17 12.20
N ASN D 31 8.82 21.38 11.66
CA ASN D 31 7.58 22.09 11.48
C ASN D 31 7.24 22.12 10.00
N TYR D 32 5.96 21.96 9.70
CA TYR D 32 5.51 21.95 8.32
C TYR D 32 4.24 22.73 8.16
N ASN D 33 4.20 23.51 7.09
CA ASN D 33 2.96 24.09 6.61
C ASN D 33 2.46 23.16 5.52
N TYR D 34 1.35 22.47 5.77
CA TYR D 34 0.95 21.37 4.90
C TYR D 34 -0.06 21.82 3.83
N GLU D 35 -0.21 23.15 3.68
CA GLU D 35 -1.24 23.71 2.83
C GLU D 35 -1.15 23.13 1.42
N GLU D 36 0.06 22.97 0.87
CA GLU D 36 0.16 22.51 -0.50
C GLU D 36 0.67 21.07 -0.58
N ALA D 37 0.51 20.28 0.48
CA ALA D 37 1.10 18.95 0.55
C ALA D 37 0.22 17.94 -0.18
N ILE D 38 0.85 16.88 -0.69
CA ILE D 38 0.16 15.66 -1.05
C ILE D 38 -0.13 14.91 0.26
N PHE D 39 -1.38 14.46 0.46
CA PHE D 39 -1.75 13.74 1.68
C PHE D 39 -1.99 12.25 1.39
N LYS D 40 -1.42 11.38 2.24
CA LYS D 40 -1.66 9.96 2.10
C LYS D 40 -2.02 9.34 3.45
N LEU D 41 -2.66 8.18 3.37
CA LEU D 41 -3.05 7.40 4.53
C LEU D 41 -2.72 5.95 4.21
N HIS D 42 -1.67 5.42 4.87
CA HIS D 42 -1.10 4.13 4.55
C HIS D 42 -0.78 4.07 3.06
N ASN D 43 -0.26 5.15 2.49
CA ASN D 43 0.20 5.25 1.11
C ASN D 43 -0.96 5.51 0.16
N ASN D 44 -2.23 5.49 0.64
CA ASN D 44 -3.37 5.82 -0.19
C ASN D 44 -3.53 7.35 -0.23
N VAL D 45 -3.59 7.93 -1.43
CA VAL D 45 -3.87 9.35 -1.52
C VAL D 45 -5.26 9.62 -0.95
N VAL D 46 -5.34 10.70 -0.13
CA VAL D 46 -6.58 11.16 0.48
C VAL D 46 -6.64 12.67 0.44
N SER D 47 -7.86 13.17 0.69
CA SER D 47 -8.15 14.59 0.81
C SER D 47 -7.54 15.15 2.08
N GLN D 48 -7.40 16.48 2.11
CA GLN D 48 -6.94 17.18 3.28
C GLN D 48 -7.83 16.87 4.47
N SER D 49 -9.15 16.90 4.25
CA SER D 49 -10.12 16.72 5.31
C SER D 49 -9.97 15.34 5.93
N LYS D 50 -9.84 14.31 5.08
CA LYS D 50 -9.65 12.96 5.58
C LYS D 50 -8.36 12.88 6.41
N PHE D 51 -7.30 13.46 5.87
CA PHE D 51 -5.99 13.49 6.49
C PHE D 51 -6.11 14.14 7.88
N GLU D 52 -6.77 15.32 7.96
CA GLU D 52 -6.94 16.04 9.22
C GLU D 52 -7.74 15.25 10.23
N SER D 53 -8.69 14.43 9.74
CA SER D 53 -9.54 13.61 10.59
C SER D 53 -8.75 12.55 11.36
N LEU D 54 -7.51 12.25 10.97
CA LEU D 54 -6.73 11.18 11.58
C LEU D 54 -5.34 11.67 12.00
N LEU D 55 -5.21 12.98 12.24
CA LEU D 55 -3.90 13.61 12.17
C LEU D 55 -3.31 13.76 13.57
N PHE D 56 -4.15 13.98 14.59
CA PHE D 56 -3.67 14.33 15.91
C PHE D 56 -3.06 13.07 16.55
N GLY D 57 -1.77 13.15 16.88
CA GLY D 57 -1.04 12.04 17.45
C GLY D 57 -0.70 10.95 16.42
N ALA D 58 -0.89 11.24 15.14
CA ALA D 58 -0.53 10.30 14.08
C ALA D 58 0.99 10.12 14.00
N THR D 59 1.41 8.97 13.47
CA THR D 59 2.76 8.81 12.97
C THR D 59 2.75 9.09 11.47
N VAL D 60 3.58 10.06 11.07
CA VAL D 60 3.60 10.56 9.70
C VAL D 60 5.03 10.54 9.19
N THR D 61 5.18 10.14 7.93
CA THR D 61 6.38 10.42 7.15
C THR D 61 6.16 11.68 6.33
N ALA D 62 7.04 12.65 6.53
CA ALA D 62 7.12 13.84 5.72
C ALA D 62 8.29 13.68 4.79
N SER D 63 8.02 13.83 3.49
CA SER D 63 9.03 13.65 2.48
C SER D 63 8.84 14.76 1.45
N LYS D 64 9.97 15.11 0.84
CA LYS D 64 10.06 16.16 -0.16
C LYS D 64 10.84 15.62 -1.34
N ASP D 65 10.30 15.80 -2.55
CA ASP D 65 11.02 15.44 -3.76
C ASP D 65 12.04 16.54 -4.07
N ASP D 66 12.82 16.37 -5.15
CA ASP D 66 13.87 17.29 -5.55
C ASP D 66 13.30 18.66 -5.94
N LYS D 67 12.00 18.72 -6.24
CA LYS D 67 11.31 19.94 -6.65
C LYS D 67 10.68 20.65 -5.44
N GLY D 68 10.84 20.09 -4.24
CA GLY D 68 10.36 20.73 -3.02
C GLY D 68 8.88 20.45 -2.72
N VAL D 69 8.24 19.53 -3.46
CA VAL D 69 6.86 19.15 -3.18
C VAL D 69 6.79 18.23 -1.95
N LEU D 70 6.00 18.62 -0.96
CA LEU D 70 5.84 17.90 0.29
C LEU D 70 4.74 16.84 0.22
N THR D 71 5.07 15.62 0.67
CA THR D 71 4.11 14.56 0.88
C THR D 71 4.11 14.21 2.36
N LEU D 72 2.90 14.06 2.90
CA LEU D 72 2.67 13.69 4.29
C LEU D 72 1.81 12.43 4.27
N ASN D 73 2.41 11.33 4.74
CA ASN D 73 1.77 10.03 4.71
C ASN D 73 1.54 9.57 6.15
N ILE D 74 0.28 9.32 6.50
CA ILE D 74 -0.06 8.76 7.80
C ILE D 74 0.18 7.26 7.76
N ILE D 75 1.13 6.80 8.60
CA ILE D 75 1.55 5.42 8.80
C ILE D 75 0.70 4.79 9.90
N ASP D 76 0.53 5.50 11.00
CA ASP D 76 -0.24 5.07 12.16
C ASP D 76 -1.24 6.18 12.47
N GLU D 77 -2.52 5.80 12.50
CA GLU D 77 -3.60 6.77 12.50
C GLU D 77 -3.66 7.53 13.82
N GLY D 78 -3.83 8.85 13.76
CA GLY D 78 -4.21 9.60 14.94
C GLY D 78 -5.74 9.74 15.02
N VAL D 79 -6.14 10.85 15.64
CA VAL D 79 -7.54 11.16 15.88
C VAL D 79 -7.83 12.57 15.34
N ASP D 80 -9.12 12.94 15.35
CA ASP D 80 -9.51 14.25 14.84
C ASP D 80 -9.37 15.27 15.96
N ALA D 81 -9.54 16.55 15.60
CA ALA D 81 -9.41 17.69 16.52
C ALA D 81 -10.29 17.51 17.76
N LEU D 82 -11.53 17.06 17.54
CA LEU D 82 -12.52 16.89 18.59
C LEU D 82 -12.19 15.75 19.55
N GLU D 83 -11.64 14.65 19.01
CA GLU D 83 -11.32 13.50 19.85
C GLU D 83 -10.05 13.83 20.66
N HIS D 84 -9.17 14.66 20.09
CA HIS D 84 -7.97 15.15 20.74
C HIS D 84 -8.30 16.04 21.95
N HIS D 85 -9.40 16.81 21.87
CA HIS D 85 -9.84 17.65 22.96
C HIS D 85 -10.44 16.82 24.10
N HIS D 86 -10.83 15.57 23.83
CA HIS D 86 -11.50 14.74 24.83
C HIS D 86 -10.43 13.99 25.64
BR BR E . 0.67 0.58 -1.14
#